data_4JCS
#
_entry.id   4JCS
#
_cell.length_a   93.688
_cell.length_b   93.688
_cell.length_c   193.566
_cell.angle_alpha   90.00
_cell.angle_beta   90.00
_cell.angle_gamma   120.00
#
_symmetry.space_group_name_H-M   'H 3 2'
#
loop_
_entity.id
_entity.type
_entity.pdbx_description
1 polymer 'Enoyl-CoA hydratase/isomerase'
2 water water
#
_entity_poly.entity_id   1
_entity_poly.type   'polypeptide(L)'
_entity_poly.pdbx_seq_one_letter_code
;(MSE)HHHHHHSSGVDLGTENLYFQS(MSE)DTLDFEVVNNVGWIR(MSE)NRAAKHNPFDAELRADL(MSE)TVLERVR
DDADIRVLVLTSHPGSFCAGGNLHVLRDNLDSGPAYWQQRIKTGLRFIHD(MSE)LNLGRPVIAAVDGPAFGAGFALSLT
ADIVLASPRARFS(MSE)AYLRLGLVPDLGALYLLPRAVGLQRAKEL(MSE)FSTRELDAEEAHRLGLV(MSE)EVHESE
ALEQRAREIAESLVQAAPTALALTKAALNVSLDSDEQT(MSE)FSLEAASQAAAFSTKEPRAAIEALLSKQPPPFRGFPR
RS
;
_entity_poly.pdbx_strand_id   A
#
# COMPACT_ATOMS: atom_id res chain seq x y z
N PHE A 20 -9.40 2.41 19.22
CA PHE A 20 -8.85 1.03 19.30
C PHE A 20 -9.97 0.01 19.12
N GLN A 21 -9.96 -0.67 17.98
CA GLN A 21 -10.98 -1.66 17.68
C GLN A 21 -10.35 -2.98 17.24
N SER A 22 -10.70 -4.06 17.93
CA SER A 22 -10.20 -5.39 17.60
C SER A 22 -11.25 -6.14 16.77
N ASP A 24 -12.07 -9.35 13.59
CA ASP A 24 -11.80 -10.77 13.37
C ASP A 24 -10.46 -11.05 12.69
N THR A 25 -10.03 -10.14 11.82
CA THR A 25 -8.83 -10.37 10.97
C THR A 25 -7.75 -9.30 11.14
N LEU A 26 -8.06 -8.24 11.87
CA LEU A 26 -7.11 -7.17 12.14
C LEU A 26 -7.47 -6.38 13.39
N ASP A 27 -6.46 -5.72 13.96
CA ASP A 27 -6.66 -4.73 15.00
C ASP A 27 -6.37 -3.36 14.42
N PHE A 28 -7.25 -2.41 14.67
CA PHE A 28 -7.07 -1.04 14.19
C PHE A 28 -6.91 -0.07 15.35
N GLU A 29 -5.83 0.71 15.31
CA GLU A 29 -5.50 1.66 16.37
C GLU A 29 -5.03 2.98 15.77
N VAL A 30 -5.59 4.09 16.23
CA VAL A 30 -5.12 5.41 15.81
C VAL A 30 -4.28 6.03 16.92
N VAL A 31 -3.01 6.28 16.60
CA VAL A 31 -2.06 6.88 17.54
C VAL A 31 -1.29 7.98 16.82
N ASN A 32 -1.31 9.18 17.39
CA ASN A 32 -0.63 10.34 16.81
C ASN A 32 -0.98 10.56 15.33
N ASN A 33 -2.28 10.48 15.04
CA ASN A 33 -2.85 10.71 13.70
C ASN A 33 -2.47 9.66 12.66
N VAL A 34 -1.94 8.53 13.14
CA VAL A 34 -1.56 7.42 12.29
C VAL A 34 -2.51 6.25 12.57
N GLY A 35 -3.17 5.77 11.52
CA GLY A 35 -3.99 4.56 11.59
C GLY A 35 -3.15 3.30 11.39
N TRP A 36 -2.98 2.53 12.47
CA TRP A 36 -2.24 1.28 12.41
C TRP A 36 -3.18 0.11 12.15
N ILE A 37 -2.99 -0.55 11.01
CA ILE A 37 -3.73 -1.75 10.67
C ILE A 37 -2.82 -2.94 10.93
N ARG A 38 -3.13 -3.68 11.99
CA ARG A 38 -2.30 -4.83 12.34
C ARG A 38 -3.10 -6.10 12.12
N ASN A 40 -4.12 -9.79 12.26
CA ASN A 40 -3.99 -10.50 13.54
C ASN A 40 -4.24 -12.01 13.49
N ARG A 41 -3.92 -12.63 12.36
CA ARG A 41 -3.98 -14.08 12.19
C ARG A 41 -2.66 -14.61 11.63
N ALA A 42 -1.58 -14.34 12.36
CA ALA A 42 -0.22 -14.65 11.89
C ALA A 42 0.01 -16.14 11.58
N ALA A 43 -0.57 -17.02 12.38
CA ALA A 43 -0.40 -18.46 12.21
C ALA A 43 -1.01 -18.96 10.88
N LYS A 44 -2.09 -18.31 10.47
CA LYS A 44 -2.78 -18.63 9.22
C LYS A 44 -2.20 -17.84 8.04
N HIS A 45 -1.21 -16.99 8.33
CA HIS A 45 -0.56 -16.09 7.36
C HIS A 45 -1.52 -15.04 6.78
N ASN A 46 -2.48 -14.62 7.61
CA ASN A 46 -3.42 -13.55 7.25
C ASN A 46 -3.99 -13.70 5.85
N PRO A 47 -4.68 -14.83 5.56
CA PRO A 47 -5.12 -15.07 4.19
C PRO A 47 -6.06 -13.98 3.70
N PHE A 48 -5.93 -13.60 2.43
CA PHE A 48 -6.81 -12.58 1.86
C PHE A 48 -8.15 -13.21 1.46
N ASP A 49 -9.06 -13.24 2.42
CA ASP A 49 -10.37 -13.86 2.25
C ASP A 49 -11.47 -12.80 2.43
N ALA A 50 -12.72 -13.20 2.25
CA ALA A 50 -13.87 -12.31 2.43
C ALA A 50 -13.88 -11.59 3.77
N GLU A 51 -13.39 -12.27 4.80
CA GLU A 51 -13.34 -11.73 6.15
C GLU A 51 -12.33 -10.58 6.29
N LEU A 52 -11.13 -10.78 5.76
CA LEU A 52 -10.11 -9.73 5.75
C LEU A 52 -10.53 -8.55 4.87
N ARG A 53 -11.10 -8.83 3.71
CA ARG A 53 -11.59 -7.79 2.79
C ARG A 53 -12.62 -6.90 3.48
N ALA A 54 -13.58 -7.53 4.17
CA ALA A 54 -14.63 -6.81 4.89
C ALA A 54 -14.07 -5.96 6.03
N ASP A 55 -13.11 -6.49 6.77
CA ASP A 55 -12.47 -5.73 7.84
C ASP A 55 -11.65 -4.55 7.31
N LEU A 56 -10.95 -4.77 6.20
CA LEU A 56 -10.18 -3.70 5.56
C LEU A 56 -11.10 -2.61 5.00
N THR A 58 -14.04 -1.80 6.26
CA THR A 58 -14.47 -1.10 7.47
C THR A 58 -13.45 -0.04 7.88
N VAL A 59 -12.18 -0.42 7.84
CA VAL A 59 -11.10 0.51 8.13
C VAL A 59 -11.12 1.66 7.14
N LEU A 60 -11.23 1.35 5.86
CA LEU A 60 -11.18 2.40 4.83
C LEU A 60 -12.33 3.37 5.00
N GLU A 61 -13.51 2.87 5.34
CA GLU A 61 -14.67 3.71 5.58
C GLU A 61 -14.50 4.62 6.80
N ARG A 62 -13.85 4.11 7.84
CA ARG A 62 -13.55 4.94 9.01
C ARG A 62 -12.52 6.02 8.66
N VAL A 63 -11.55 5.64 7.81
CA VAL A 63 -10.51 6.57 7.38
C VAL A 63 -11.10 7.72 6.56
N ARG A 64 -12.01 7.38 5.65
CA ARG A 64 -12.70 8.37 4.82
C ARG A 64 -13.46 9.41 5.64
N ASP A 65 -14.14 8.95 6.68
CA ASP A 65 -14.98 9.81 7.52
C ASP A 65 -14.20 10.65 8.54
N ASP A 66 -12.89 10.36 8.66
CA ASP A 66 -12.07 11.06 9.64
C ASP A 66 -10.75 11.55 9.03
N ALA A 67 -10.73 12.84 8.69
CA ALA A 67 -9.55 13.49 8.11
C ALA A 67 -8.36 13.52 9.07
N ASP A 68 -8.61 13.32 10.36
CA ASP A 68 -7.54 13.32 11.37
C ASP A 68 -6.73 12.02 11.38
N ILE A 69 -7.22 10.99 10.67
CA ILE A 69 -6.41 9.79 10.42
C ILE A 69 -5.62 10.08 9.15
N ARG A 70 -4.44 10.66 9.34
CA ARG A 70 -3.66 11.28 8.27
C ARG A 70 -2.82 10.30 7.45
N VAL A 71 -2.36 9.24 8.10
CA VAL A 71 -1.46 8.26 7.48
C VAL A 71 -1.88 6.88 7.95
N LEU A 72 -1.73 5.88 7.09
CA LEU A 72 -1.99 4.48 7.45
C LEU A 72 -0.73 3.65 7.40
N VAL A 73 -0.61 2.72 8.34
CA VAL A 73 0.42 1.69 8.29
C VAL A 73 -0.29 0.35 8.20
N LEU A 74 0.07 -0.43 7.18
CA LEU A 74 -0.50 -1.76 7.00
C LEU A 74 0.57 -2.77 7.38
N THR A 75 0.29 -3.57 8.40
CA THR A 75 1.27 -4.51 8.90
C THR A 75 0.60 -5.72 9.55
N SER A 76 1.41 -6.54 10.23
CA SER A 76 0.95 -7.80 10.77
C SER A 76 1.70 -8.05 12.06
N HIS A 77 1.26 -9.04 12.83
CA HIS A 77 2.09 -9.56 13.89
C HIS A 77 3.38 -10.08 13.25
N PRO A 78 4.55 -9.87 13.90
CA PRO A 78 5.83 -10.17 13.24
C PRO A 78 5.96 -11.62 12.73
N GLY A 79 6.67 -11.80 11.61
CA GLY A 79 6.86 -13.12 11.03
C GLY A 79 5.87 -13.46 9.93
N SER A 80 4.83 -12.66 9.81
CA SER A 80 3.85 -12.84 8.75
C SER A 80 3.56 -11.51 8.07
N PHE A 81 2.96 -11.58 6.88
CA PHE A 81 2.33 -10.40 6.28
C PHE A 81 0.96 -10.79 5.71
N CYS A 82 0.95 -11.27 4.48
CA CYS A 82 -0.28 -11.75 3.85
C CYS A 82 0.07 -12.78 2.79
N ALA A 83 -0.30 -14.03 3.07
CA ALA A 83 0.00 -15.15 2.18
C ALA A 83 -0.99 -16.29 2.40
N ASN A 86 -7.16 -20.26 1.54
CA ASN A 86 -8.46 -19.99 0.94
C ASN A 86 -8.74 -20.89 -0.28
N LEU A 87 -8.07 -22.03 -0.31
CA LEU A 87 -8.18 -22.99 -1.42
C LEU A 87 -9.50 -23.74 -1.45
N HIS A 88 -10.16 -23.84 -0.29
CA HIS A 88 -11.45 -24.52 -0.19
C HIS A 88 -12.54 -23.76 -0.95
N VAL A 89 -12.53 -22.43 -0.82
CA VAL A 89 -13.47 -21.56 -1.54
C VAL A 89 -13.20 -21.60 -3.05
N LEU A 90 -11.94 -21.78 -3.43
CA LEU A 90 -11.58 -22.02 -4.82
C LEU A 90 -12.11 -23.37 -5.31
N ARG A 91 -11.85 -24.42 -4.53
CA ARG A 91 -12.30 -25.78 -4.85
C ARG A 91 -13.82 -25.84 -5.03
N ASP A 92 -14.54 -25.25 -4.08
CA ASP A 92 -16.02 -25.22 -4.09
C ASP A 92 -16.60 -24.49 -5.31
N ASN A 93 -15.79 -23.65 -5.95
CA ASN A 93 -16.26 -22.81 -7.05
C ASN A 93 -15.57 -23.06 -8.39
N LEU A 94 -14.86 -24.18 -8.48
CA LEU A 94 -14.11 -24.54 -9.69
C LEU A 94 -14.95 -24.55 -10.96
N ASP A 95 -16.20 -25.00 -10.85
CA ASP A 95 -17.10 -25.11 -12.00
C ASP A 95 -18.33 -24.19 -11.91
N SER A 96 -18.22 -23.13 -11.12
CA SER A 96 -19.29 -22.15 -10.98
C SER A 96 -19.55 -21.33 -12.26
N GLY A 97 -18.57 -21.29 -13.15
CA GLY A 97 -18.76 -20.70 -14.48
C GLY A 97 -18.22 -19.29 -14.68
N PRO A 98 -18.12 -18.86 -15.95
CA PRO A 98 -17.53 -17.57 -16.33
C PRO A 98 -18.23 -16.35 -15.75
N ALA A 99 -19.56 -16.33 -15.76
CA ALA A 99 -20.32 -15.19 -15.24
C ALA A 99 -20.02 -14.96 -13.77
N TYR A 100 -20.00 -16.06 -13.01
CA TYR A 100 -19.67 -16.04 -11.58
C TYR A 100 -18.27 -15.48 -11.34
N TRP A 101 -17.29 -16.02 -12.06
CA TRP A 101 -15.90 -15.64 -11.84
C TRP A 101 -15.59 -14.23 -12.29
N GLN A 102 -16.27 -13.78 -13.35
CA GLN A 102 -16.10 -12.42 -13.85
C GLN A 102 -16.55 -11.43 -12.76
N GLN A 103 -17.63 -11.78 -12.07
CA GLN A 103 -18.16 -10.95 -10.98
C GLN A 103 -17.31 -11.02 -9.69
N ARG A 104 -16.83 -12.21 -9.36
CA ARG A 104 -16.02 -12.39 -8.15
C ARG A 104 -14.67 -11.65 -8.26
N ILE A 105 -14.10 -11.66 -9.47
CA ILE A 105 -12.89 -10.90 -9.74
C ILE A 105 -13.16 -9.39 -9.56
N LYS A 106 -14.31 -8.94 -10.03
CA LYS A 106 -14.73 -7.54 -9.87
C LYS A 106 -14.84 -7.13 -8.40
N THR A 107 -15.30 -8.04 -7.55
CA THR A 107 -15.42 -7.78 -6.10
C THR A 107 -14.03 -7.51 -5.52
N GLY A 108 -13.09 -8.39 -5.86
CA GLY A 108 -11.69 -8.21 -5.46
C GLY A 108 -11.14 -6.90 -5.97
N LEU A 109 -11.43 -6.60 -7.24
CA LEU A 109 -10.89 -5.40 -7.86
C LEU A 109 -11.50 -4.11 -7.32
N ARG A 110 -12.74 -4.17 -6.84
CA ARG A 110 -13.32 -3.00 -6.15
C ARG A 110 -12.45 -2.60 -4.97
N PHE A 111 -11.96 -3.59 -4.22
CA PHE A 111 -11.09 -3.32 -3.09
C PHE A 111 -9.77 -2.69 -3.50
N ILE A 112 -9.12 -3.24 -4.53
CA ILE A 112 -7.85 -2.70 -5.00
C ILE A 112 -8.03 -1.29 -5.52
N HIS A 113 -9.12 -1.08 -6.26
CA HIS A 113 -9.49 0.25 -6.74
C HIS A 113 -9.55 1.22 -5.56
N ASP A 114 -10.18 0.80 -4.47
CA ASP A 114 -10.31 1.64 -3.27
C ASP A 114 -8.96 1.96 -2.62
N LEU A 116 -6.01 2.13 -4.18
CA LEU A 116 -5.28 3.05 -5.05
C LEU A 116 -5.87 4.47 -5.00
N ASN A 117 -7.15 4.57 -4.68
CA ASN A 117 -7.85 5.84 -4.62
C ASN A 117 -7.82 6.50 -3.24
N LEU A 118 -7.23 5.82 -2.26
CA LEU A 118 -7.21 6.35 -0.90
C LEU A 118 -6.28 7.55 -0.81
N GLY A 119 -6.83 8.70 -0.44
CA GLY A 119 -6.08 9.95 -0.42
C GLY A 119 -5.13 10.13 0.74
N ARG A 120 -4.89 9.08 1.51
CA ARG A 120 -3.90 9.13 2.61
C ARG A 120 -2.70 8.25 2.24
N PRO A 121 -1.48 8.66 2.65
CA PRO A 121 -0.32 7.80 2.41
C PRO A 121 -0.47 6.48 3.16
N VAL A 122 -0.11 5.39 2.49
CA VAL A 122 -0.18 4.06 3.07
C VAL A 122 1.23 3.51 3.11
N ILE A 123 1.69 3.15 4.31
CA ILE A 123 3.00 2.54 4.49
C ILE A 123 2.77 1.06 4.78
N ALA A 124 3.35 0.17 3.98
CA ALA A 124 3.27 -1.25 4.30
C ALA A 124 4.56 -1.66 4.99
N ALA A 125 4.44 -2.37 6.10
CA ALA A 125 5.62 -2.87 6.82
C ALA A 125 5.57 -4.39 6.75
N VAL A 126 6.46 -4.96 5.96
CA VAL A 126 6.40 -6.37 5.59
C VAL A 126 7.50 -7.17 6.31
N ASP A 127 7.08 -8.04 7.22
CA ASP A 127 8.01 -8.89 8.00
C ASP A 127 7.64 -10.37 7.84
N GLY A 128 7.35 -10.77 6.61
CA GLY A 128 6.97 -12.15 6.31
C GLY A 128 6.57 -12.31 4.85
N PRO A 129 6.03 -13.48 4.48
CA PRO A 129 5.61 -13.68 3.10
C PRO A 129 4.49 -12.73 2.66
N ALA A 130 4.71 -12.08 1.52
CA ALA A 130 3.69 -11.33 0.80
C ALA A 130 3.49 -12.04 -0.53
N PHE A 131 2.56 -13.01 -0.55
CA PHE A 131 2.37 -13.91 -1.68
C PHE A 131 1.01 -13.70 -2.32
N GLY A 132 0.98 -13.68 -3.66
CA GLY A 132 -0.28 -13.55 -4.39
C GLY A 132 -0.99 -12.28 -4.00
N ALA A 133 -2.17 -12.42 -3.38
CA ALA A 133 -2.93 -11.28 -2.90
C ALA A 133 -2.12 -10.33 -2.00
N GLY A 134 -1.25 -10.90 -1.17
CA GLY A 134 -0.39 -10.11 -0.30
C GLY A 134 0.62 -9.25 -1.03
N PHE A 135 1.11 -9.77 -2.15
CA PHE A 135 2.04 -9.03 -3.01
C PHE A 135 1.26 -7.91 -3.70
N ALA A 136 0.07 -8.23 -4.21
CA ALA A 136 -0.80 -7.20 -4.80
C ALA A 136 -1.12 -6.09 -3.78
N LEU A 137 -1.46 -6.51 -2.57
CA LEU A 137 -1.73 -5.57 -1.49
C LEU A 137 -0.54 -4.65 -1.23
N SER A 138 0.67 -5.21 -1.16
CA SER A 138 1.88 -4.42 -0.94
C SER A 138 2.15 -3.45 -2.10
N LEU A 139 1.76 -3.85 -3.30
CA LEU A 139 1.91 -3.00 -4.48
C LEU A 139 0.99 -1.76 -4.47
N THR A 140 -0.07 -1.78 -3.68
CA THR A 140 -0.98 -0.62 -3.59
C THR A 140 -0.51 0.43 -2.56
N ALA A 141 0.46 0.06 -1.74
CA ALA A 141 1.02 0.98 -0.74
C ALA A 141 1.87 2.04 -1.42
N ASP A 142 2.01 3.18 -0.76
CA ASP A 142 2.85 4.25 -1.26
C ASP A 142 4.32 4.01 -0.93
N ILE A 143 4.57 3.40 0.22
CA ILE A 143 5.93 3.15 0.68
C ILE A 143 5.93 1.73 1.23
N VAL A 144 6.90 0.91 0.83
CA VAL A 144 7.04 -0.43 1.42
C VAL A 144 8.35 -0.54 2.20
N LEU A 145 8.24 -0.90 3.48
CA LEU A 145 9.40 -1.16 4.31
C LEU A 145 9.41 -2.66 4.57
N ALA A 146 10.59 -3.27 4.60
CA ALA A 146 10.64 -4.72 4.78
C ALA A 146 11.78 -5.13 5.70
N SER A 147 11.66 -6.32 6.26
CA SER A 147 12.78 -6.94 6.97
C SER A 147 13.39 -8.01 6.06
N PRO A 148 14.54 -8.59 6.46
CA PRO A 148 15.11 -9.69 5.67
C PRO A 148 14.21 -10.94 5.58
N ARG A 149 13.16 -10.99 6.42
CA ARG A 149 12.18 -12.09 6.41
C ARG A 149 11.14 -11.95 5.31
N ALA A 150 11.00 -10.74 4.77
CA ALA A 150 10.02 -10.48 3.71
C ALA A 150 10.32 -11.32 2.48
N ARG A 151 9.29 -11.95 1.92
CA ARG A 151 9.41 -12.67 0.65
C ARG A 151 8.22 -12.26 -0.22
N PHE A 152 8.49 -11.99 -1.50
CA PHE A 152 7.43 -11.60 -2.42
C PHE A 152 7.34 -12.61 -3.56
N SER A 153 6.12 -13.03 -3.89
CA SER A 153 5.93 -14.03 -4.94
C SER A 153 4.56 -13.92 -5.60
N ALA A 155 2.46 -16.50 -7.54
CA ALA A 155 2.49 -17.93 -7.81
C ALA A 155 1.16 -18.47 -8.38
N TYR A 156 0.34 -17.58 -8.92
CA TYR A 156 -0.94 -17.98 -9.52
C TYR A 156 -0.83 -19.06 -10.60
N LEU A 157 0.26 -19.02 -11.36
CA LEU A 157 0.46 -20.00 -12.42
C LEU A 157 0.60 -21.43 -11.87
N ARG A 158 1.03 -21.57 -10.63
CA ARG A 158 1.05 -22.88 -9.96
C ARG A 158 -0.35 -23.47 -9.84
N LEU A 159 -1.36 -22.59 -9.77
CA LEU A 159 -2.76 -23.03 -9.71
C LEU A 159 -3.46 -23.11 -11.08
N GLY A 160 -2.72 -22.87 -12.16
CA GLY A 160 -3.31 -22.81 -13.50
C GLY A 160 -4.14 -21.56 -13.71
N LEU A 161 -3.82 -20.50 -12.98
CA LEU A 161 -4.60 -19.26 -13.02
C LEU A 161 -3.76 -18.06 -13.44
N VAL A 162 -4.43 -16.99 -13.85
CA VAL A 162 -3.72 -15.73 -14.15
C VAL A 162 -3.63 -14.91 -12.86
N PRO A 163 -2.63 -14.02 -12.74
CA PRO A 163 -2.53 -13.20 -11.53
C PRO A 163 -3.74 -12.33 -11.36
N ASP A 164 -4.24 -12.21 -10.12
CA ASP A 164 -5.42 -11.40 -9.89
C ASP A 164 -5.14 -10.22 -8.98
N LEU A 165 -6.21 -9.54 -8.57
CA LEU A 165 -6.14 -8.36 -7.69
C LEU A 165 -5.25 -7.27 -8.27
N GLY A 166 -5.29 -7.14 -9.59
CA GLY A 166 -4.66 -6.03 -10.29
C GLY A 166 -3.17 -6.21 -10.52
N ALA A 167 -2.65 -7.39 -10.19
CA ALA A 167 -1.21 -7.64 -10.35
C ALA A 167 -0.70 -7.40 -11.78
N LEU A 168 -1.51 -7.79 -12.77
CA LEU A 168 -1.14 -7.61 -14.19
C LEU A 168 -0.95 -6.13 -14.54
N TYR A 169 -1.68 -5.28 -13.84
CA TYR A 169 -1.57 -3.83 -13.97
C TYR A 169 -0.44 -3.25 -13.12
N LEU A 170 -0.37 -3.64 -11.84
CA LEU A 170 0.53 -3.03 -10.89
C LEU A 170 2.01 -3.41 -11.06
N LEU A 171 2.27 -4.69 -11.30
CA LEU A 171 3.66 -5.16 -11.30
C LEU A 171 4.52 -4.53 -12.41
N PRO A 172 4.01 -4.49 -13.66
CA PRO A 172 4.86 -3.88 -14.69
C PRO A 172 5.15 -2.40 -14.43
N ARG A 173 4.26 -1.72 -13.71
CA ARG A 173 4.46 -0.31 -13.41
C ARG A 173 5.53 -0.10 -12.34
N ALA A 174 5.80 -1.15 -11.58
CA ALA A 174 6.83 -1.13 -10.56
C ALA A 174 8.18 -1.55 -11.12
N VAL A 175 8.20 -2.59 -11.95
CA VAL A 175 9.47 -3.22 -12.35
C VAL A 175 9.75 -3.33 -13.84
N GLY A 176 8.80 -2.89 -14.67
CA GLY A 176 8.92 -3.06 -16.12
C GLY A 176 8.37 -4.39 -16.61
N LEU A 177 8.25 -4.53 -17.93
CA LEU A 177 7.59 -5.68 -18.51
C LEU A 177 8.40 -6.97 -18.34
N GLN A 178 9.66 -6.94 -18.74
CA GLN A 178 10.50 -8.14 -18.70
C GLN A 178 10.59 -8.73 -17.29
N ARG A 179 10.76 -7.88 -16.29
CA ARG A 179 10.84 -8.35 -14.91
C ARG A 179 9.50 -8.90 -14.41
N ALA A 180 8.41 -8.23 -14.76
CA ALA A 180 7.09 -8.74 -14.39
C ALA A 180 6.88 -10.13 -14.96
N LYS A 181 7.28 -10.31 -16.21
CA LYS A 181 7.14 -11.59 -16.90
C LYS A 181 7.93 -12.68 -16.21
N GLU A 182 9.21 -12.43 -15.93
CA GLU A 182 10.01 -13.47 -15.29
C GLU A 182 9.45 -13.84 -13.91
N LEU A 183 9.01 -12.83 -13.15
CA LEU A 183 8.42 -13.07 -11.84
C LEU A 183 7.15 -13.92 -11.93
N PHE A 185 5.99 -15.84 -14.53
CA PHE A 185 6.21 -17.16 -15.17
C PHE A 185 7.03 -18.09 -14.27
N SER A 186 8.06 -17.56 -13.61
CA SER A 186 8.89 -18.38 -12.72
C SER A 186 8.18 -18.73 -11.41
N THR A 187 7.33 -17.81 -10.95
CA THR A 187 6.65 -17.89 -9.64
C THR A 187 7.66 -17.89 -8.48
N ARG A 188 8.86 -17.37 -8.74
CA ARG A 188 9.91 -17.37 -7.73
C ARG A 188 9.64 -16.42 -6.57
N GLU A 189 10.38 -16.62 -5.48
CA GLU A 189 10.29 -15.75 -4.32
C GLU A 189 11.40 -14.70 -4.37
N LEU A 190 11.01 -13.44 -4.35
CA LEU A 190 11.93 -12.32 -4.22
C LEU A 190 12.23 -12.10 -2.75
N ASP A 191 13.51 -12.10 -2.39
CA ASP A 191 13.87 -11.70 -1.03
C ASP A 191 13.89 -10.18 -0.88
N ALA A 192 13.98 -9.72 0.36
CA ALA A 192 13.94 -8.30 0.70
C ALA A 192 15.00 -7.49 -0.04
N GLU A 193 16.24 -7.99 -0.02
CA GLU A 193 17.37 -7.34 -0.67
C GLU A 193 17.12 -7.11 -2.17
N GLU A 194 16.61 -8.12 -2.86
CA GLU A 194 16.34 -7.98 -4.30
C GLU A 194 15.14 -7.05 -4.53
N ALA A 195 14.12 -7.18 -3.69
CA ALA A 195 12.94 -6.33 -3.79
C ALA A 195 13.33 -4.86 -3.61
N HIS A 196 14.31 -4.62 -2.74
CA HIS A 196 14.85 -3.28 -2.50
C HIS A 196 15.65 -2.81 -3.72
N ARG A 197 16.48 -3.71 -4.25
CA ARG A 197 17.24 -3.46 -5.47
C ARG A 197 16.33 -3.05 -6.63
N LEU A 198 15.15 -3.69 -6.71
CA LEU A 198 14.18 -3.46 -7.79
C LEU A 198 13.22 -2.31 -7.52
N GLY A 199 13.30 -1.72 -6.33
CA GLY A 199 12.48 -0.54 -6.00
C GLY A 199 11.09 -0.85 -5.49
N LEU A 200 10.79 -2.14 -5.30
CA LEU A 200 9.54 -2.54 -4.66
C LEU A 200 9.56 -2.11 -3.19
N VAL A 201 10.74 -2.26 -2.57
CA VAL A 201 10.94 -1.97 -1.16
C VAL A 201 11.84 -0.75 -1.03
N GLU A 203 13.21 0.56 2.00
CA GLU A 203 14.27 0.33 2.97
C GLU A 203 14.12 -1.06 3.58
N VAL A 204 15.24 -1.69 3.90
CA VAL A 204 15.26 -2.97 4.62
C VAL A 204 15.80 -2.75 6.05
N HIS A 205 15.06 -3.23 7.04
CA HIS A 205 15.44 -3.10 8.45
C HIS A 205 15.31 -4.45 9.15
N GLU A 206 16.10 -4.69 10.20
CA GLU A 206 15.95 -5.91 10.98
C GLU A 206 14.52 -6.01 11.53
N SER A 207 14.00 -7.24 11.63
CA SER A 207 12.64 -7.46 12.12
C SER A 207 12.36 -6.69 13.41
N GLU A 208 13.34 -6.67 14.31
CA GLU A 208 13.21 -6.05 15.62
C GLU A 208 13.17 -4.53 15.58
N ALA A 209 13.54 -3.96 14.44
CA ALA A 209 13.59 -2.50 14.26
C ALA A 209 12.52 -1.98 13.29
N LEU A 210 11.86 -2.89 12.58
CA LEU A 210 10.93 -2.54 11.49
C LEU A 210 9.75 -1.64 11.90
N GLU A 211 9.07 -1.98 12.99
CA GLU A 211 7.89 -1.21 13.40
C GLU A 211 8.23 0.23 13.75
N GLN A 212 9.35 0.42 14.46
CA GLN A 212 9.77 1.77 14.85
C GLN A 212 10.08 2.64 13.63
N ARG A 213 10.69 2.06 12.60
CA ARG A 213 10.94 2.81 11.38
C ARG A 213 9.63 3.21 10.71
N ALA A 214 8.69 2.29 10.62
CA ALA A 214 7.37 2.60 10.07
C ALA A 214 6.70 3.72 10.87
N ARG A 215 6.86 3.66 12.19
CA ARG A 215 6.35 4.70 13.08
C ARG A 215 6.95 6.07 12.79
N GLU A 216 8.28 6.13 12.70
CA GLU A 216 9.03 7.36 12.42
C GLU A 216 8.60 7.98 11.10
N ILE A 217 8.49 7.15 10.06
CA ILE A 217 8.13 7.64 8.73
C ILE A 217 6.69 8.14 8.72
N ALA A 218 5.77 7.35 9.26
CA ALA A 218 4.35 7.69 9.29
C ALA A 218 4.09 8.98 10.07
N GLU A 219 4.69 9.10 11.24
CA GLU A 219 4.51 10.31 12.05
C GLU A 219 5.10 11.56 11.38
N SER A 220 6.15 11.39 10.57
CA SER A 220 6.69 12.53 9.83
C SER A 220 5.68 13.02 8.78
N LEU A 221 4.99 12.09 8.13
CA LEU A 221 4.01 12.43 7.07
C LEU A 221 2.74 13.09 7.61
N VAL A 222 2.47 12.92 8.90
CA VAL A 222 1.38 13.63 9.57
C VAL A 222 1.53 15.15 9.40
N GLN A 223 2.77 15.61 9.30
CA GLN A 223 3.06 17.04 9.15
C GLN A 223 2.88 17.54 7.71
N ALA A 224 2.81 16.61 6.75
CA ALA A 224 2.63 16.98 5.34
C ALA A 224 1.19 17.39 5.03
N ALA A 225 1.03 18.24 4.03
CA ALA A 225 -0.28 18.76 3.64
C ALA A 225 -1.17 17.66 3.07
N PRO A 226 -2.35 17.44 3.68
CA PRO A 226 -3.26 16.41 3.16
C PRO A 226 -3.63 16.60 1.68
N THR A 227 -3.81 17.85 1.25
CA THR A 227 -4.20 18.13 -0.14
C THR A 227 -3.07 17.77 -1.10
N ALA A 228 -1.87 18.28 -0.81
CA ALA A 228 -0.70 17.97 -1.63
C ALA A 228 -0.46 16.47 -1.67
N LEU A 229 -0.58 15.80 -0.52
CA LEU A 229 -0.40 14.36 -0.43
C LEU A 229 -1.36 13.61 -1.34
N ALA A 230 -2.66 13.92 -1.22
CA ALA A 230 -3.69 13.20 -1.95
C ALA A 230 -3.57 13.43 -3.44
N LEU A 231 -3.30 14.68 -3.83
CA LEU A 231 -3.19 15.02 -5.25
C LEU A 231 -1.94 14.42 -5.91
N THR A 232 -0.84 14.39 -5.15
CA THR A 232 0.41 13.80 -5.64
C THR A 232 0.23 12.30 -5.87
N LYS A 233 -0.37 11.63 -4.88
CA LYS A 233 -0.66 10.21 -4.97
C LYS A 233 -1.57 9.91 -6.17
N ALA A 234 -2.65 10.65 -6.31
CA ALA A 234 -3.62 10.40 -7.39
C ALA A 234 -2.96 10.58 -8.76
N ALA A 235 -2.13 11.61 -8.89
CA ALA A 235 -1.45 11.84 -10.17
C ALA A 235 -0.40 10.77 -10.46
N LEU A 236 0.38 10.40 -9.45
CA LEU A 236 1.39 9.36 -9.68
C LEU A 236 0.74 8.05 -10.07
N ASN A 237 -0.37 7.73 -9.42
CA ASN A 237 -1.04 6.45 -9.65
C ASN A 237 -1.54 6.26 -11.09
N VAL A 238 -1.79 7.36 -11.79
CA VAL A 238 -2.21 7.28 -13.20
C VAL A 238 -1.15 7.74 -14.21
N SER A 239 0.01 8.20 -13.73
CA SER A 239 0.99 8.79 -14.63
C SER A 239 1.35 7.87 -15.81
N LEU A 240 1.63 6.60 -15.51
CA LEU A 240 2.06 5.65 -16.53
C LEU A 240 0.92 5.12 -17.40
N ASP A 241 -0.32 5.52 -17.08
CA ASP A 241 -1.49 5.21 -17.92
C ASP A 241 -1.76 6.32 -18.90
N SER A 242 -1.09 7.44 -18.72
CA SER A 242 -1.48 8.70 -19.32
C SER A 242 -0.47 9.22 -20.35
N ASP A 243 -0.55 10.50 -20.66
CA ASP A 243 0.25 11.10 -21.72
C ASP A 243 0.60 12.51 -21.32
N GLU A 244 1.46 13.16 -22.11
CA GLU A 244 2.03 14.44 -21.72
C GLU A 244 0.98 15.51 -21.43
N GLN A 245 0.10 15.77 -22.40
CA GLN A 245 -0.85 16.87 -22.23
C GLN A 245 -1.85 16.59 -21.10
N THR A 246 -2.29 15.33 -20.97
CA THR A 246 -3.21 15.00 -19.89
C THR A 246 -2.54 15.21 -18.52
N PHE A 248 0.03 17.12 -17.82
CA PHE A 248 0.27 18.56 -17.68
C PHE A 248 -0.99 19.29 -17.20
N SER A 249 -2.15 18.86 -17.72
CA SER A 249 -3.42 19.43 -17.29
C SER A 249 -3.77 19.01 -15.88
N LEU A 250 -3.43 17.78 -15.51
CA LEU A 250 -3.65 17.30 -14.16
C LEU A 250 -2.76 18.06 -13.18
N GLU A 251 -1.50 18.30 -13.57
CA GLU A 251 -0.57 19.10 -12.76
C GLU A 251 -1.13 20.49 -12.50
N ALA A 252 -1.60 21.16 -13.54
CA ALA A 252 -2.16 22.51 -13.44
C ALA A 252 -3.37 22.58 -12.48
N ALA A 253 -4.31 21.66 -12.64
CA ALA A 253 -5.47 21.62 -11.77
C ALA A 253 -5.07 21.31 -10.32
N SER A 254 -4.12 20.39 -10.15
CA SER A 254 -3.72 19.95 -8.82
C SER A 254 -2.99 21.06 -8.07
N GLN A 255 -2.11 21.79 -8.76
CA GLN A 255 -1.35 22.85 -8.10
C GLN A 255 -2.27 24.01 -7.74
N ALA A 256 -3.23 24.29 -8.61
CA ALA A 256 -4.23 25.33 -8.32
C ALA A 256 -4.96 24.98 -7.03
N ALA A 257 -5.31 23.71 -6.89
CA ALA A 257 -5.98 23.23 -5.68
C ALA A 257 -5.08 23.32 -4.45
N ALA A 258 -3.80 22.94 -4.60
CA ALA A 258 -2.84 22.98 -3.48
C ALA A 258 -2.65 24.39 -2.93
N PHE A 259 -2.57 25.37 -3.83
CA PHE A 259 -2.38 26.78 -3.44
C PHE A 259 -3.56 27.40 -2.69
N SER A 260 -4.69 26.71 -2.69
CA SER A 260 -5.86 27.16 -1.94
C SER A 260 -5.98 26.49 -0.56
N THR A 261 -4.85 26.05 -0.03
CA THR A 261 -4.78 25.48 1.31
C THR A 261 -3.86 26.33 2.18
N LYS A 262 -3.87 26.09 3.48
CA LYS A 262 -3.07 26.87 4.43
C LYS A 262 -1.59 26.47 4.48
N GLU A 263 -1.27 25.26 4.03
CA GLU A 263 0.06 24.69 4.25
C GLU A 263 1.20 25.40 3.49
N PRO A 264 0.99 25.79 2.22
CA PRO A 264 2.07 26.50 1.55
C PRO A 264 2.49 27.77 2.29
N ARG A 265 1.53 28.59 2.71
CA ARG A 265 1.86 29.80 3.47
C ARG A 265 2.70 29.48 4.71
N ALA A 266 2.24 28.51 5.50
CA ALA A 266 2.93 28.11 6.73
C ALA A 266 4.36 27.65 6.45
N ALA A 267 4.52 26.86 5.39
CA ALA A 267 5.84 26.37 4.99
C ALA A 267 6.75 27.48 4.48
N ILE A 268 6.20 28.34 3.62
CA ILE A 268 6.96 29.44 3.01
C ILE A 268 7.39 30.47 4.04
N GLU A 269 6.47 30.90 4.90
CA GLU A 269 6.76 31.86 5.97
C GLU A 269 7.90 31.35 6.85
N ALA A 270 7.81 30.07 7.24
CA ALA A 270 8.83 29.43 8.06
C ALA A 270 10.20 29.48 7.40
N LEU A 271 10.28 29.05 6.13
CA LEU A 271 11.55 29.01 5.41
C LEU A 271 12.16 30.40 5.16
N LEU A 272 11.30 31.39 4.93
CA LEU A 272 11.76 32.77 4.77
C LEU A 272 12.21 33.38 6.09
N SER A 273 11.69 32.84 7.19
CA SER A 273 12.12 33.21 8.54
C SER A 273 13.34 32.40 8.98
N LYS A 274 13.97 31.72 8.03
CA LYS A 274 15.13 30.84 8.28
C LYS A 274 14.84 29.70 9.29
N GLN A 275 13.58 29.27 9.33
CA GLN A 275 13.14 28.17 10.17
C GLN A 275 12.76 26.98 9.30
N PRO A 276 12.84 25.75 9.85
CA PRO A 276 12.42 24.58 9.08
C PRO A 276 10.90 24.54 8.90
N PRO A 277 10.42 24.03 7.75
CA PRO A 277 8.98 23.89 7.52
C PRO A 277 8.40 22.73 8.35
N PRO A 278 7.05 22.65 8.46
CA PRO A 278 6.47 21.57 9.27
C PRO A 278 6.89 20.16 8.79
N PHE A 279 6.89 19.94 7.48
CA PHE A 279 7.37 18.67 6.91
C PHE A 279 8.76 18.84 6.29
N ARG A 280 9.73 18.11 6.85
CA ARG A 280 11.14 18.24 6.45
C ARG A 280 11.63 16.97 5.75
N GLY A 281 10.71 16.03 5.49
CA GLY A 281 11.09 14.73 4.95
C GLY A 281 11.08 13.69 6.05
N PHE A 282 11.59 12.50 5.76
CA PHE A 282 11.63 11.44 6.75
C PHE A 282 12.82 11.63 7.70
N PRO A 283 12.70 11.16 8.96
CA PRO A 283 13.82 11.28 9.89
C PRO A 283 15.02 10.46 9.41
N ARG A 284 16.23 10.91 9.73
CA ARG A 284 17.43 10.16 9.35
C ARG A 284 17.39 8.76 9.96
N ARG A 285 17.87 7.77 9.23
CA ARG A 285 17.99 6.41 9.74
C ARG A 285 18.94 6.41 10.95
N SER A 286 18.57 5.67 11.99
CA SER A 286 19.36 5.62 13.23
C SER A 286 19.25 4.26 13.91
#